data_9K6M
#
_entry.id   9K6M
#
_cell.length_a   103.937
_cell.length_b   103.937
_cell.length_c   297.505
_cell.angle_alpha   90.000
_cell.angle_beta   90.000
_cell.angle_gamma   90.000
#
_symmetry.space_group_name_H-M   'I 41 2 2'
#
loop_
_entity.id
_entity.type
_entity.pdbx_description
1 polymer 'EF-hand domain-containing protein'
2 non-polymer 'CALCIUM ION'
3 water water
#
_entity_poly.entity_id   1
_entity_poly.type   'polypeptide(L)'
_entity_poly.pdbx_seq_one_letter_code
;MGSSHHHHHHSQDPEDETKITTQTWRERIINNYQNRIREYSTPEKIFQCFASVKKNGESFMTVEDFIRAILPHQFKAGSN
TSVKSKSLNIKDIPYSFKIADVDGDGLISFGEFMFFSTLLSIPEASVPIAFKIMDVNGDGSIDANEFNSILRILSNQSPF
AKNSIATAPNTEFTSQGFNSHLFGKKGDKRLTLDQFQKFLSQLRRDVLQLEFNFYDPSGRGQISQRDFGLLLISYSKLGQ
LEHHIKALSSLPNKIDANNKGISFDQFVSFNTLLDKLHDVELSMDLYKGINQPFTKSQFKYVSKIICNVDPQPEVVNTVY
QVFDTDKNGDLAKDEFVEVMERRKYRGLQNDRDTGIFSKFKKILKVLTNQD
;
_entity_poly.pdbx_strand_id   A,B
#
# COMPACT_ATOMS: atom_id res chain seq x y z
N SER A 41 -7.32 5.41 -29.48
CA SER A 41 -6.20 4.98 -28.61
C SER A 41 -5.79 6.09 -27.63
N THR A 42 -5.69 7.33 -28.12
CA THR A 42 -5.46 8.47 -27.24
C THR A 42 -6.60 8.58 -26.22
N PRO A 43 -6.33 9.03 -24.97
CA PRO A 43 -7.38 9.30 -24.00
C PRO A 43 -8.32 10.47 -24.35
N GLU A 44 -8.02 11.24 -25.40
CA GLU A 44 -8.89 12.31 -25.85
C GLU A 44 -9.83 11.80 -26.95
N LYS A 45 -9.40 10.79 -27.70
CA LYS A 45 -10.29 10.14 -28.66
C LYS A 45 -11.22 9.19 -27.89
N ILE A 46 -10.72 8.61 -26.78
CA ILE A 46 -11.54 7.78 -25.90
C ILE A 46 -12.65 8.65 -25.31
N PHE A 47 -12.28 9.86 -24.88
CA PHE A 47 -13.20 10.73 -24.16
C PHE A 47 -14.27 11.27 -25.08
N GLN A 48 -13.93 11.57 -26.34
CA GLN A 48 -14.92 12.15 -27.23
C GLN A 48 -15.91 11.06 -27.63
N CYS A 49 -15.42 9.81 -27.78
CA CYS A 49 -16.27 8.68 -28.07
C CYS A 49 -17.30 8.45 -26.97
N PHE A 50 -16.93 8.66 -25.70
CA PHE A 50 -17.67 8.09 -24.59
C PHE A 50 -18.35 9.15 -23.75
N ALA A 51 -17.98 10.40 -23.89
CA ALA A 51 -18.58 11.45 -23.08
C ALA A 51 -19.95 11.79 -23.66
N SER A 52 -21.02 11.26 -23.05
CA SER A 52 -22.33 11.24 -23.69
C SER A 52 -23.22 12.42 -23.28
N VAL A 53 -22.71 13.37 -22.50
CA VAL A 53 -23.56 14.37 -21.86
C VAL A 53 -22.84 15.72 -21.90
N LYS A 54 -23.63 16.78 -22.01
CA LYS A 54 -23.05 18.14 -22.11
C LYS A 54 -23.66 19.03 -21.04
N LYS A 55 -22.87 19.97 -20.54
CA LYS A 55 -23.32 20.91 -19.54
C LYS A 55 -22.61 22.23 -19.81
N ASN A 56 -23.39 23.25 -20.15
CA ASN A 56 -22.90 24.56 -20.55
C ASN A 56 -21.96 24.43 -21.73
N GLY A 57 -22.28 23.53 -22.67
CA GLY A 57 -21.52 23.35 -23.90
C GLY A 57 -20.39 22.34 -23.74
N GLU A 58 -19.92 22.15 -22.50
CA GLU A 58 -18.79 21.29 -22.16
C GLU A 58 -19.25 19.84 -22.11
N SER A 59 -18.45 18.91 -22.68
CA SER A 59 -18.69 17.47 -22.63
C SER A 59 -18.31 16.84 -21.28
N PHE A 60 -19.02 15.74 -20.95
CA PHE A 60 -18.87 15.07 -19.67
C PHE A 60 -19.26 13.59 -19.78
N MET A 61 -18.78 12.80 -18.82
CA MET A 61 -19.02 11.38 -18.72
C MET A 61 -19.92 11.10 -17.51
N THR A 62 -20.95 10.27 -17.69
CA THR A 62 -21.69 9.72 -16.57
C THR A 62 -20.86 8.57 -16.01
N VAL A 63 -21.31 7.98 -14.89
CA VAL A 63 -20.70 6.78 -14.34
C VAL A 63 -20.57 5.68 -15.39
N GLU A 64 -21.63 5.40 -16.15
CA GLU A 64 -21.61 4.27 -17.08
C GLU A 64 -20.66 4.55 -18.26
N ASP A 65 -20.58 5.81 -18.69
CA ASP A 65 -19.65 6.20 -19.74
C ASP A 65 -18.23 5.96 -19.24
N PHE A 66 -17.98 6.33 -17.99
CA PHE A 66 -16.65 6.20 -17.43
C PHE A 66 -16.23 4.74 -17.42
N ILE A 67 -17.11 3.86 -16.94
CA ILE A 67 -16.77 2.45 -16.82
C ILE A 67 -16.56 1.87 -18.21
N ARG A 68 -17.38 2.23 -19.19
CA ARG A 68 -17.15 1.78 -20.54
C ARG A 68 -15.77 2.27 -21.04
N ALA A 69 -15.44 3.53 -20.76
CA ALA A 69 -14.25 4.14 -21.29
C ALA A 69 -12.97 3.48 -20.77
N ILE A 70 -12.96 3.01 -19.51
CA ILE A 70 -11.76 2.44 -18.91
C ILE A 70 -11.78 0.91 -18.92
N LEU A 71 -12.74 0.27 -19.59
CA LEU A 71 -12.71 -1.17 -19.78
C LEU A 71 -12.63 -1.46 -21.27
N PRO A 72 -11.51 -1.15 -21.95
CA PRO A 72 -11.46 -1.23 -23.42
C PRO A 72 -11.59 -2.65 -23.96
N HIS A 73 -11.10 -3.64 -23.19
CA HIS A 73 -11.20 -5.04 -23.59
C HIS A 73 -12.66 -5.51 -23.62
N GLN A 74 -13.54 -4.85 -22.86
CA GLN A 74 -14.94 -5.26 -22.73
C GLN A 74 -15.84 -4.35 -23.57
N PHE A 75 -15.42 -3.10 -23.83
CA PHE A 75 -16.25 -2.12 -24.52
C PHE A 75 -15.42 -1.36 -25.56
N LYS A 76 -15.79 -1.51 -26.84
CA LYS A 76 -15.07 -0.88 -27.94
C LYS A 76 -15.96 0.15 -28.63
N SER A 87 -26.79 -0.98 -20.97
CA SER A 87 -27.37 -1.47 -19.69
C SER A 87 -26.33 -2.24 -18.88
N LEU A 88 -25.55 -1.52 -18.06
CA LEU A 88 -24.50 -2.14 -17.24
C LEU A 88 -25.07 -2.52 -15.88
N ASN A 89 -26.31 -2.11 -15.61
CA ASN A 89 -26.95 -2.34 -14.32
C ASN A 89 -26.02 -2.17 -13.12
N ILE A 90 -25.41 -0.99 -13.02
CA ILE A 90 -24.51 -0.67 -11.94
C ILE A 90 -25.27 -0.65 -10.61
N LYS A 91 -24.76 -1.35 -9.60
CA LYS A 91 -25.43 -1.39 -8.31
C LYS A 91 -24.83 -0.34 -7.37
N ASP A 92 -23.50 -0.39 -7.20
CA ASP A 92 -22.78 0.55 -6.36
C ASP A 92 -21.96 1.47 -7.26
N ILE A 93 -21.43 2.55 -6.68
CA ILE A 93 -20.59 3.49 -7.42
C ILE A 93 -19.14 3.08 -7.17
N PRO A 94 -18.39 2.67 -8.21
CA PRO A 94 -17.03 2.16 -8.04
C PRO A 94 -16.06 3.21 -7.48
N TYR A 95 -15.07 2.74 -6.72
CA TYR A 95 -14.06 3.59 -6.10
C TYR A 95 -13.34 4.41 -7.17
N SER A 96 -13.11 3.77 -8.33
CA SER A 96 -12.44 4.39 -9.46
C SER A 96 -13.13 5.68 -9.90
N PHE A 97 -14.47 5.67 -9.87
CA PHE A 97 -15.28 6.81 -10.24
C PHE A 97 -15.16 7.87 -9.15
N LYS A 98 -15.23 7.46 -7.88
CA LYS A 98 -15.17 8.44 -6.82
C LYS A 98 -13.80 9.12 -6.86
N ILE A 99 -12.76 8.37 -7.24
CA ILE A 99 -11.42 8.92 -7.36
C ILE A 99 -11.33 9.86 -8.57
N ALA A 100 -11.82 9.41 -9.74
CA ALA A 100 -11.72 10.22 -10.93
C ALA A 100 -12.50 11.54 -10.82
N ASP A 101 -13.60 11.55 -10.04
CA ASP A 101 -14.48 12.70 -9.93
C ASP A 101 -14.06 13.63 -8.78
N VAL A 102 -13.07 14.47 -9.05
CA VAL A 102 -12.41 15.28 -8.04
C VAL A 102 -13.38 16.32 -7.47
N ASP A 103 -14.09 17.05 -8.34
CA ASP A 103 -14.97 18.13 -7.90
C ASP A 103 -16.21 17.58 -7.21
N GLY A 104 -16.67 16.38 -7.57
CA GLY A 104 -17.76 15.72 -6.84
C GLY A 104 -19.16 16.01 -7.42
N ASP A 105 -19.23 16.47 -8.67
CA ASP A 105 -20.52 16.73 -9.32
C ASP A 105 -21.12 15.45 -9.87
N GLY A 106 -20.44 14.31 -9.68
CA GLY A 106 -20.95 13.03 -10.16
C GLY A 106 -20.82 12.87 -11.68
N LEU A 107 -19.95 13.69 -12.32
CA LEU A 107 -19.60 13.55 -13.73
C LEU A 107 -18.09 13.62 -13.90
N ILE A 108 -17.56 12.94 -14.91
CA ILE A 108 -16.14 13.00 -15.18
C ILE A 108 -15.91 14.02 -16.30
N SER A 109 -15.16 15.06 -15.97
CA SER A 109 -14.76 16.06 -16.95
C SER A 109 -13.67 15.48 -17.83
N PHE A 110 -13.40 16.18 -18.92
CA PHE A 110 -12.23 15.89 -19.73
C PHE A 110 -10.98 15.92 -18.85
N GLY A 111 -10.82 17.00 -18.08
CA GLY A 111 -9.68 17.14 -17.19
C GLY A 111 -9.54 15.94 -16.24
N GLU A 112 -10.64 15.56 -15.61
CA GLU A 112 -10.66 14.42 -14.70
C GLU A 112 -10.33 13.12 -15.42
N PHE A 113 -10.77 12.94 -16.66
CA PHE A 113 -10.51 11.68 -17.34
C PHE A 113 -9.03 11.56 -17.72
N MET A 114 -8.46 12.64 -18.26
CA MET A 114 -7.04 12.66 -18.61
C MET A 114 -6.19 12.30 -17.39
N PHE A 115 -6.47 12.89 -16.24
CA PHE A 115 -5.65 12.62 -15.04
C PHE A 115 -5.80 11.15 -14.63
N PHE A 116 -7.04 10.69 -14.55
CA PHE A 116 -7.27 9.31 -14.19
C PHE A 116 -6.53 8.39 -15.15
N SER A 117 -6.66 8.58 -16.47
CA SER A 117 -5.95 7.77 -17.45
C SER A 117 -4.45 7.70 -17.13
N THR A 118 -3.85 8.90 -16.97
CA THR A 118 -2.43 9.09 -16.76
C THR A 118 -1.96 8.32 -15.53
N LEU A 119 -2.65 8.47 -14.39
CA LEU A 119 -2.28 7.76 -13.19
C LEU A 119 -2.33 6.26 -13.45
N LEU A 120 -3.39 5.81 -14.09
CA LEU A 120 -3.63 4.39 -14.30
C LEU A 120 -2.60 3.79 -15.24
N SER A 121 -2.09 4.61 -16.18
CA SER A 121 -1.18 4.11 -17.19
C SER A 121 0.25 3.96 -16.68
N ILE A 122 0.55 4.45 -15.48
CA ILE A 122 1.93 4.43 -14.99
C ILE A 122 2.27 3.02 -14.58
N PRO A 123 3.27 2.37 -15.22
CA PRO A 123 3.81 1.10 -14.74
C PRO A 123 4.27 1.10 -13.29
N GLU A 124 4.05 -0.01 -12.60
CA GLU A 124 4.39 -0.12 -11.19
C GLU A 124 5.83 0.32 -10.96
N ALA A 125 6.76 -0.10 -11.83
CA ALA A 125 8.19 0.05 -11.56
C ALA A 125 8.71 1.43 -11.98
N SER A 126 7.86 2.20 -12.69
CA SER A 126 8.18 3.57 -13.05
C SER A 126 7.47 4.59 -12.18
N VAL A 127 6.77 4.16 -11.12
CA VAL A 127 6.06 5.10 -10.27
C VAL A 127 7.00 6.15 -9.67
N PRO A 128 8.19 5.78 -9.14
CA PRO A 128 9.10 6.77 -8.57
C PRO A 128 9.52 7.89 -9.51
N ILE A 129 9.59 7.58 -10.81
CA ILE A 129 9.93 8.58 -11.81
C ILE A 129 8.79 9.58 -11.92
N ALA A 130 7.57 9.04 -12.05
CA ALA A 130 6.38 9.86 -12.12
C ALA A 130 6.24 10.71 -10.86
N PHE A 131 6.55 10.13 -9.72
CA PHE A 131 6.49 10.87 -8.47
C PHE A 131 7.40 12.10 -8.56
N LYS A 132 8.64 11.94 -9.00
CA LYS A 132 9.61 13.02 -8.94
C LYS A 132 9.23 14.14 -9.90
N ILE A 133 8.51 13.80 -10.96
CA ILE A 133 8.04 14.80 -11.89
C ILE A 133 6.88 15.62 -11.28
N MET A 134 5.98 14.97 -10.54
CA MET A 134 4.80 15.65 -10.03
C MET A 134 5.12 16.28 -8.68
N ASP A 135 6.27 15.98 -8.09
CA ASP A 135 6.69 16.60 -6.84
C ASP A 135 7.43 17.90 -7.16
N VAL A 136 6.68 18.97 -7.42
CA VAL A 136 7.24 20.09 -8.16
C VAL A 136 8.25 20.84 -7.29
N ASN A 137 8.08 20.87 -5.95
CA ASN A 137 9.01 21.63 -5.13
C ASN A 137 10.09 20.74 -4.50
N GLY A 138 10.17 19.45 -4.90
CA GLY A 138 11.24 18.53 -4.51
C GLY A 138 11.34 18.19 -3.00
N ASP A 139 10.27 18.36 -2.21
CA ASP A 139 10.35 18.09 -0.78
C ASP A 139 10.10 16.60 -0.46
N GLY A 140 9.78 15.80 -1.50
CA GLY A 140 9.55 14.36 -1.34
C GLY A 140 8.12 14.04 -0.91
N SER A 141 7.20 15.00 -1.09
CA SER A 141 5.79 14.76 -0.83
C SER A 141 4.96 15.36 -1.95
N ILE A 142 3.81 14.73 -2.23
CA ILE A 142 2.84 15.33 -3.12
C ILE A 142 1.69 15.91 -2.29
N ASP A 143 1.52 17.24 -2.41
CA ASP A 143 0.50 17.96 -1.68
C ASP A 143 -0.67 18.19 -2.64
N ALA A 144 -1.81 18.59 -2.07
CA ALA A 144 -3.05 18.75 -2.80
C ALA A 144 -2.87 19.71 -3.99
N ASN A 145 -2.07 20.76 -3.77
CA ASN A 145 -1.92 21.80 -4.76
C ASN A 145 -1.13 21.31 -5.96
N GLU A 146 -0.10 20.48 -5.71
CA GLU A 146 0.70 19.95 -6.79
C GLU A 146 -0.20 19.09 -7.67
N PHE A 147 -1.15 18.40 -7.05
CA PHE A 147 -2.10 17.54 -7.75
C PHE A 147 -3.18 18.37 -8.43
N ASN A 148 -3.82 19.29 -7.69
CA ASN A 148 -4.83 20.15 -8.31
C ASN A 148 -4.21 21.01 -9.40
N SER A 149 -2.93 21.35 -9.26
CA SER A 149 -2.23 22.10 -10.29
C SER A 149 -2.33 21.36 -11.62
N ILE A 150 -2.15 20.03 -11.60
CA ILE A 150 -2.11 19.23 -12.81
C ILE A 150 -3.49 19.16 -13.43
N LEU A 151 -4.48 18.87 -12.58
CA LEU A 151 -5.87 18.86 -13.00
C LEU A 151 -6.26 20.15 -13.73
N ARG A 152 -5.93 21.30 -13.13
CA ARG A 152 -6.23 22.61 -13.69
C ARG A 152 -5.69 22.74 -15.11
N ILE A 153 -4.45 22.31 -15.36
CA ILE A 153 -3.84 22.54 -16.67
C ILE A 153 -4.49 21.61 -17.70
N LEU A 154 -4.67 20.33 -17.34
CA LEU A 154 -5.29 19.34 -18.20
C LEU A 154 -6.70 19.76 -18.61
N SER A 155 -7.44 20.41 -17.69
CA SER A 155 -8.78 20.89 -17.96
C SER A 155 -8.74 22.06 -18.94
N ASN A 156 -7.85 23.03 -18.67
CA ASN A 156 -7.71 24.23 -19.50
C ASN A 156 -7.16 23.89 -20.89
N GLN A 157 -6.74 22.64 -21.10
CA GLN A 157 -6.34 22.12 -22.40
C GLN A 157 -7.48 21.32 -23.02
N SER A 158 -8.69 21.41 -22.43
CA SER A 158 -9.89 20.77 -23.00
C SER A 158 -10.28 21.54 -24.27
N PRO A 159 -10.87 20.86 -25.30
CA PRO A 159 -11.40 21.55 -26.47
C PRO A 159 -12.29 22.75 -26.11
N PHE A 160 -13.18 22.58 -25.12
CA PHE A 160 -14.11 23.63 -24.72
C PHE A 160 -13.35 24.87 -24.24
N ALA A 161 -12.40 24.70 -23.32
CA ALA A 161 -11.59 25.81 -22.84
C ALA A 161 -10.84 26.48 -23.99
N PHE A 178 -9.97 19.37 -4.77
CA PHE A 178 -9.00 18.49 -4.07
C PHE A 178 -9.70 17.17 -3.72
N ASN A 179 -9.11 16.03 -4.10
CA ASN A 179 -9.65 14.78 -3.64
C ASN A 179 -9.53 14.79 -2.12
N SER A 180 -10.68 14.78 -1.44
CA SER A 180 -10.74 14.52 -0.01
C SER A 180 -10.25 13.10 0.28
N HIS A 181 -10.25 12.27 -0.78
CA HIS A 181 -9.96 10.87 -0.67
C HIS A 181 -8.49 10.65 -0.34
N LEU A 182 -7.62 11.53 -0.88
CA LEU A 182 -6.18 11.37 -0.77
C LEU A 182 -5.59 12.34 0.24
N PHE A 183 -6.13 13.57 0.29
CA PHE A 183 -5.49 14.66 1.00
C PHE A 183 -6.23 15.00 2.28
N GLY A 184 -7.33 14.29 2.59
CA GLY A 184 -8.09 14.52 3.81
C GLY A 184 -9.28 15.47 3.60
N LYS A 185 -10.15 15.56 4.61
CA LYS A 185 -11.34 16.39 4.49
C LYS A 185 -10.87 17.82 4.22
N LYS A 186 -9.88 18.26 5.04
CA LYS A 186 -9.35 19.62 5.01
C LYS A 186 -8.46 19.84 3.78
N GLY A 187 -7.72 18.82 3.36
CA GLY A 187 -6.84 18.92 2.19
C GLY A 187 -5.40 19.22 2.60
N ASP A 188 -5.06 18.78 3.81
CA ASP A 188 -3.89 19.25 4.54
C ASP A 188 -2.87 18.14 4.66
N LYS A 189 -3.19 16.94 4.14
CA LYS A 189 -2.30 15.78 4.20
C LYS A 189 -1.54 15.70 2.88
N ARG A 190 -0.49 14.87 2.86
CA ARG A 190 0.36 14.74 1.69
C ARG A 190 0.72 13.29 1.44
N LEU A 191 1.25 13.01 0.25
CA LEU A 191 1.68 11.66 -0.08
C LEU A 191 3.21 11.59 -0.20
N THR A 192 3.79 10.72 0.61
CA THR A 192 5.12 10.23 0.35
C THR A 192 5.10 9.35 -0.90
N LEU A 193 6.27 8.93 -1.36
CA LEU A 193 6.37 8.02 -2.47
C LEU A 193 5.67 6.68 -2.21
N ASP A 194 5.77 6.17 -0.98
CA ASP A 194 5.26 4.85 -0.62
C ASP A 194 3.72 4.90 -0.65
N GLN A 195 3.14 5.83 0.11
CA GLN A 195 1.71 6.10 -0.02
C GLN A 195 1.31 6.28 -1.49
N PHE A 196 2.10 6.98 -2.32
CA PHE A 196 1.68 7.21 -3.70
C PHE A 196 1.67 5.91 -4.48
N GLN A 197 2.65 5.04 -4.19
CA GLN A 197 2.66 3.70 -4.74
C GLN A 197 1.42 2.92 -4.34
N LYS A 198 1.04 3.01 -3.05
N LYS A 198 1.01 3.03 -3.08
CA LYS A 198 -0.13 2.31 -2.53
CA LYS A 198 -0.16 2.25 -2.58
C LYS A 198 -1.39 2.78 -3.26
C LYS A 198 -1.43 2.78 -3.24
N PHE A 199 -1.54 4.10 -3.40
CA PHE A 199 -2.68 4.70 -4.07
C PHE A 199 -2.75 4.20 -5.51
N LEU A 200 -1.62 4.20 -6.23
CA LEU A 200 -1.68 3.76 -7.61
C LEU A 200 -2.02 2.27 -7.66
N SER A 201 -1.66 1.51 -6.63
CA SER A 201 -1.99 0.09 -6.52
C SER A 201 -3.49 -0.13 -6.39
N GLN A 202 -4.11 0.40 -5.31
CA GLN A 202 -5.54 0.32 -5.12
C GLN A 202 -6.26 0.64 -6.44
N LEU A 203 -5.88 1.72 -7.09
CA LEU A 203 -6.48 2.11 -8.34
C LEU A 203 -6.41 1.02 -9.40
N ARG A 204 -5.21 0.46 -9.62
CA ARG A 204 -5.04 -0.57 -10.63
C ARG A 204 -5.92 -1.77 -10.30
N ARG A 205 -5.92 -2.17 -9.02
CA ARG A 205 -6.70 -3.29 -8.51
C ARG A 205 -8.20 -3.03 -8.66
N ASP A 206 -8.64 -1.77 -8.47
CA ASP A 206 -10.06 -1.45 -8.57
C ASP A 206 -10.57 -1.69 -9.98
N VAL A 207 -9.82 -1.21 -10.97
CA VAL A 207 -10.18 -1.40 -12.36
C VAL A 207 -10.17 -2.88 -12.71
N LEU A 208 -9.19 -3.64 -12.20
CA LEU A 208 -9.22 -5.08 -12.41
C LEU A 208 -10.52 -5.65 -11.84
N GLN A 209 -10.99 -5.11 -10.71
CA GLN A 209 -12.22 -5.59 -10.10
C GLN A 209 -13.41 -5.30 -11.00
N LEU A 210 -13.42 -4.17 -11.71
CA LEU A 210 -14.51 -3.84 -12.62
C LEU A 210 -14.53 -4.85 -13.77
N GLU A 211 -13.38 -5.07 -14.44
CA GLU A 211 -13.25 -6.10 -15.45
C GLU A 211 -13.78 -7.44 -14.92
N PHE A 212 -13.33 -7.81 -13.72
CA PHE A 212 -13.64 -9.11 -13.17
C PHE A 212 -15.14 -9.29 -13.05
N ASN A 213 -15.83 -8.26 -12.56
CA ASN A 213 -17.22 -8.36 -12.12
C ASN A 213 -18.18 -8.55 -13.29
N PHE A 214 -17.84 -8.03 -14.47
CA PHE A 214 -18.57 -8.31 -15.70
C PHE A 214 -18.81 -9.82 -15.81
N TYR A 215 -17.84 -10.63 -15.37
CA TYR A 215 -17.91 -12.07 -15.54
C TYR A 215 -18.34 -12.75 -14.25
N ASP A 216 -18.54 -11.97 -13.19
CA ASP A 216 -18.98 -12.50 -11.91
C ASP A 216 -20.04 -11.60 -11.30
N PRO A 217 -21.23 -11.44 -11.93
CA PRO A 217 -22.20 -10.44 -11.49
C PRO A 217 -22.76 -10.77 -10.11
N SER A 218 -22.74 -12.06 -9.75
CA SER A 218 -23.22 -12.53 -8.46
C SER A 218 -22.36 -12.02 -7.29
N GLY A 219 -21.06 -11.82 -7.52
CA GLY A 219 -20.16 -11.40 -6.46
C GLY A 219 -19.65 -12.58 -5.63
N ARG A 220 -19.54 -13.75 -6.29
CA ARG A 220 -19.17 -15.01 -5.68
C ARG A 220 -17.73 -14.94 -5.18
N GLY A 221 -16.90 -14.18 -5.90
CA GLY A 221 -15.48 -14.14 -5.65
C GLY A 221 -14.68 -14.88 -6.71
N GLN A 222 -15.38 -15.58 -7.64
CA GLN A 222 -14.67 -16.33 -8.66
C GLN A 222 -15.54 -16.55 -9.90
N ILE A 223 -14.86 -16.97 -10.97
CA ILE A 223 -15.45 -17.12 -12.29
C ILE A 223 -15.11 -18.51 -12.83
N SER A 224 -15.85 -18.95 -13.83
CA SER A 224 -15.59 -20.24 -14.42
C SER A 224 -14.31 -20.17 -15.25
N GLN A 225 -13.88 -21.32 -15.76
CA GLN A 225 -12.70 -21.43 -16.61
C GLN A 225 -13.02 -20.91 -18.01
N ARG A 226 -14.28 -21.08 -18.44
CA ARG A 226 -14.73 -20.56 -19.71
C ARG A 226 -14.71 -19.04 -19.59
N ASP A 227 -15.17 -18.58 -18.43
CA ASP A 227 -15.23 -17.14 -18.17
C ASP A 227 -13.81 -16.59 -18.20
N PHE A 228 -12.89 -17.31 -17.56
CA PHE A 228 -11.48 -16.92 -17.56
C PHE A 228 -10.94 -16.89 -18.99
N GLY A 229 -11.42 -17.80 -19.85
CA GLY A 229 -10.96 -17.89 -21.23
C GLY A 229 -11.44 -16.73 -22.11
N LEU A 230 -12.72 -16.33 -21.96
CA LEU A 230 -13.22 -15.15 -22.64
C LEU A 230 -12.33 -13.97 -22.30
N LEU A 231 -12.08 -13.77 -20.98
CA LEU A 231 -11.17 -12.74 -20.51
C LEU A 231 -9.84 -12.82 -21.24
N LEU A 232 -9.22 -14.01 -21.29
CA LEU A 232 -7.90 -14.13 -21.89
C LEU A 232 -7.96 -13.69 -23.35
N ILE A 233 -9.06 -14.03 -24.05
CA ILE A 233 -9.22 -13.67 -25.45
C ILE A 233 -9.42 -12.15 -25.58
N SER A 234 -10.15 -11.56 -24.64
CA SER A 234 -10.35 -10.12 -24.67
C SER A 234 -9.01 -9.38 -24.66
N TYR A 235 -7.97 -10.03 -24.10
CA TYR A 235 -6.64 -9.44 -23.99
C TYR A 235 -5.81 -9.66 -25.26
N SER A 236 -6.37 -10.39 -26.24
CA SER A 236 -5.62 -10.85 -27.38
C SER A 236 -5.59 -9.79 -28.49
N LYS A 237 -5.13 -10.19 -29.70
CA LYS A 237 -5.18 -9.39 -30.91
C LYS A 237 -4.48 -8.04 -30.70
N LEU A 241 -11.30 -14.77 -33.83
CA LEU A 241 -10.72 -15.63 -32.76
C LEU A 241 -11.50 -16.95 -32.64
N GLU A 242 -12.08 -17.42 -33.75
CA GLU A 242 -12.94 -18.60 -33.76
C GLU A 242 -12.14 -19.85 -33.41
N HIS A 243 -10.83 -19.81 -33.69
CA HIS A 243 -9.89 -20.84 -33.27
C HIS A 243 -9.71 -20.81 -31.75
N HIS A 244 -9.39 -19.61 -31.21
CA HIS A 244 -9.27 -19.39 -29.78
C HIS A 244 -10.62 -19.61 -29.10
N ILE A 245 -11.71 -19.22 -29.77
CA ILE A 245 -13.06 -19.40 -29.25
C ILE A 245 -13.39 -20.90 -29.20
N LYS A 246 -12.97 -21.67 -30.21
CA LYS A 246 -13.27 -23.10 -30.30
C LYS A 246 -12.90 -23.83 -29.02
N ALA A 247 -11.76 -23.47 -28.40
CA ALA A 247 -11.24 -24.16 -27.23
C ALA A 247 -12.16 -23.97 -26.02
N LEU A 248 -12.87 -22.84 -25.95
CA LEU A 248 -13.75 -22.51 -24.84
C LEU A 248 -14.78 -23.64 -24.64
N SER A 249 -15.16 -24.30 -25.74
CA SER A 249 -16.00 -25.49 -25.72
C SER A 249 -15.47 -26.53 -24.72
N SER A 250 -14.16 -26.78 -24.73
CA SER A 250 -13.55 -27.76 -23.84
C SER A 250 -13.49 -27.24 -22.40
N LEU A 251 -13.79 -25.95 -22.19
CA LEU A 251 -13.57 -25.32 -20.88
C LEU A 251 -14.85 -25.38 -20.04
N PRO A 252 -14.75 -25.87 -18.79
CA PRO A 252 -15.88 -25.88 -17.87
C PRO A 252 -16.56 -24.51 -17.73
N ASN A 253 -17.88 -24.51 -17.56
CA ASN A 253 -18.64 -23.30 -17.36
C ASN A 253 -19.39 -23.35 -16.04
N LYS A 254 -19.02 -24.30 -15.18
CA LYS A 254 -19.64 -24.43 -13.88
C LYS A 254 -18.53 -24.45 -12.84
N ILE A 255 -18.80 -23.95 -11.64
CA ILE A 255 -17.93 -24.18 -10.50
C ILE A 255 -18.56 -25.29 -9.66
N ASP A 256 -18.07 -26.52 -9.85
CA ASP A 256 -18.42 -27.65 -9.00
C ASP A 256 -17.15 -28.18 -8.33
N ALA A 257 -17.21 -29.41 -7.81
CA ALA A 257 -16.10 -30.01 -7.08
C ALA A 257 -14.95 -30.37 -8.02
N ASN A 258 -15.29 -30.89 -9.20
CA ASN A 258 -14.31 -31.37 -10.17
C ASN A 258 -13.87 -30.26 -11.11
N ASN A 259 -14.56 -29.12 -11.07
CA ASN A 259 -14.24 -27.98 -11.91
C ASN A 259 -14.20 -26.74 -11.01
N LYS A 260 -12.98 -26.28 -10.69
CA LYS A 260 -12.83 -25.14 -9.81
C LYS A 260 -12.83 -23.86 -10.64
N GLY A 261 -13.13 -22.75 -9.96
CA GLY A 261 -13.14 -21.42 -10.54
C GLY A 261 -11.81 -20.70 -10.30
N ILE A 262 -11.69 -19.49 -10.86
CA ILE A 262 -10.51 -18.67 -10.72
C ILE A 262 -10.86 -17.48 -9.84
N SER A 263 -10.10 -17.30 -8.75
CA SER A 263 -10.34 -16.20 -7.81
C SER A 263 -9.87 -14.86 -8.38
N PHE A 264 -10.42 -13.77 -7.85
CA PHE A 264 -9.94 -12.44 -8.18
C PHE A 264 -8.43 -12.34 -8.00
N ASP A 265 -7.93 -12.78 -6.82
CA ASP A 265 -6.50 -12.80 -6.53
C ASP A 265 -5.71 -13.41 -7.70
N GLN A 266 -6.16 -14.57 -8.22
N GLN A 266 -6.15 -14.60 -8.15
CA GLN A 266 -5.40 -15.25 -9.26
CA GLN A 266 -5.53 -15.31 -9.26
C GLN A 266 -5.61 -14.56 -10.62
C GLN A 266 -5.55 -14.44 -10.52
N PHE A 267 -6.66 -13.75 -10.75
CA PHE A 267 -6.82 -12.88 -11.92
C PHE A 267 -5.82 -11.72 -11.86
N VAL A 268 -5.70 -11.07 -10.70
CA VAL A 268 -4.74 -10.02 -10.46
C VAL A 268 -3.32 -10.52 -10.73
N SER A 269 -2.96 -11.69 -10.20
CA SER A 269 -1.64 -12.24 -10.45
C SER A 269 -1.41 -12.44 -11.93
N PHE A 270 -2.44 -12.84 -12.66
CA PHE A 270 -2.20 -13.06 -14.08
C PHE A 270 -1.91 -11.74 -14.77
N ASN A 271 -2.57 -10.67 -14.33
CA ASN A 271 -2.26 -9.35 -14.85
C ASN A 271 -0.84 -8.96 -14.46
N THR A 272 -0.38 -9.35 -13.27
CA THR A 272 1.01 -9.16 -12.95
C THR A 272 1.87 -9.82 -14.01
N LEU A 273 1.53 -11.03 -14.45
CA LEU A 273 2.34 -11.74 -15.41
C LEU A 273 2.38 -11.00 -16.75
N LEU A 274 1.27 -10.40 -17.17
CA LEU A 274 1.23 -9.69 -18.44
C LEU A 274 2.00 -8.38 -18.34
N ASP A 275 2.08 -7.77 -17.15
CA ASP A 275 2.87 -6.56 -16.96
C ASP A 275 4.34 -6.86 -17.27
N LYS A 276 4.78 -8.08 -16.95
CA LYS A 276 6.17 -8.50 -17.13
C LYS A 276 6.29 -9.46 -18.31
N LEU A 277 5.58 -9.17 -19.39
CA LEU A 277 5.52 -10.11 -20.50
C LEU A 277 6.89 -10.25 -21.16
N HIS A 278 7.71 -9.20 -21.01
CA HIS A 278 9.05 -9.16 -21.57
C HIS A 278 9.95 -10.14 -20.84
N ASP A 279 9.57 -10.50 -19.59
CA ASP A 279 10.34 -11.46 -18.81
C ASP A 279 9.91 -12.90 -19.10
N VAL A 280 8.63 -13.12 -19.45
CA VAL A 280 8.21 -14.40 -20.00
C VAL A 280 8.98 -14.63 -21.30
N GLU A 281 9.21 -13.54 -22.05
CA GLU A 281 9.80 -13.64 -23.38
C GLU A 281 11.23 -14.14 -23.25
N LEU A 282 11.98 -13.51 -22.34
CA LEU A 282 13.34 -13.92 -22.02
C LEU A 282 13.35 -15.37 -21.56
N SER A 283 12.41 -15.75 -20.68
CA SER A 283 12.34 -17.11 -20.18
C SER A 283 12.21 -18.11 -21.34
N MET A 284 11.40 -17.77 -22.34
CA MET A 284 11.13 -18.68 -23.44
C MET A 284 12.36 -18.80 -24.32
N ASP A 285 13.11 -17.70 -24.45
CA ASP A 285 14.32 -17.70 -25.26
C ASP A 285 15.45 -18.45 -24.55
N LEU A 286 15.45 -18.48 -23.22
CA LEU A 286 16.50 -19.18 -22.47
C LEU A 286 16.27 -20.68 -22.51
N TYR A 287 15.00 -21.11 -22.37
CA TYR A 287 14.64 -22.52 -22.42
C TYR A 287 14.81 -23.03 -23.84
N LYS A 288 14.43 -22.24 -24.84
CA LYS A 288 14.61 -22.63 -26.24
C LYS A 288 16.07 -23.00 -26.52
N GLY A 289 17.01 -22.29 -25.88
CA GLY A 289 18.42 -22.60 -25.98
C GLY A 289 18.76 -23.99 -25.44
N ILE A 290 18.40 -24.28 -24.19
CA ILE A 290 18.64 -25.60 -23.60
C ILE A 290 17.80 -26.66 -24.33
N ASN A 291 16.98 -26.21 -25.26
CA ASN A 291 16.11 -27.12 -26.05
C ASN A 291 15.02 -27.67 -25.13
N GLN A 292 14.54 -26.85 -24.21
CA GLN A 292 13.45 -27.22 -23.32
C GLN A 292 12.19 -26.52 -23.83
N PRO A 293 11.12 -27.28 -24.14
CA PRO A 293 9.86 -26.68 -24.57
C PRO A 293 9.21 -25.97 -23.38
N PHE A 294 8.51 -24.87 -23.67
CA PHE A 294 7.83 -24.11 -22.64
C PHE A 294 6.52 -24.83 -22.30
N THR A 295 6.65 -25.87 -21.47
CA THR A 295 5.52 -26.66 -21.04
C THR A 295 4.93 -26.01 -19.81
N LYS A 296 3.88 -26.62 -19.27
CA LYS A 296 3.10 -26.04 -18.19
C LYS A 296 3.97 -25.95 -16.92
N SER A 297 5.07 -26.70 -16.90
CA SER A 297 5.91 -26.75 -15.73
C SER A 297 6.86 -25.56 -15.75
N GLN A 298 7.33 -25.21 -16.95
CA GLN A 298 8.12 -24.00 -17.15
C GLN A 298 7.25 -22.78 -16.88
N PHE A 299 6.01 -22.83 -17.40
CA PHE A 299 5.05 -21.75 -17.25
C PHE A 299 4.78 -21.47 -15.78
N LYS A 300 4.65 -22.56 -15.01
CA LYS A 300 4.40 -22.51 -13.58
C LYS A 300 5.57 -21.81 -12.90
N TYR A 301 6.79 -22.28 -13.22
CA TYR A 301 7.99 -21.84 -12.51
C TYR A 301 8.28 -20.36 -12.78
N VAL A 302 8.14 -19.95 -14.05
CA VAL A 302 8.36 -18.55 -14.42
C VAL A 302 7.35 -17.65 -13.71
N SER A 303 6.07 -18.05 -13.63
CA SER A 303 5.09 -17.20 -13.01
C SER A 303 5.44 -17.02 -11.54
N LYS A 304 5.93 -18.10 -10.93
CA LYS A 304 6.30 -18.06 -9.52
C LYS A 304 7.40 -17.02 -9.32
N ILE A 305 8.40 -17.02 -10.20
CA ILE A 305 9.50 -16.06 -10.15
C ILE A 305 9.01 -14.64 -10.39
N ILE A 306 8.12 -14.44 -11.38
CA ILE A 306 7.65 -13.11 -11.74
C ILE A 306 6.59 -12.59 -10.75
N CYS A 307 5.60 -13.43 -10.42
CA CYS A 307 4.41 -12.97 -9.69
C CYS A 307 4.62 -13.12 -8.19
N ASN A 308 5.52 -14.06 -7.85
CA ASN A 308 5.89 -14.39 -6.49
C ASN A 308 4.82 -15.28 -5.88
N VAL A 309 3.89 -15.73 -6.72
CA VAL A 309 2.80 -16.59 -6.30
C VAL A 309 2.74 -17.78 -7.25
N ASP A 310 2.64 -18.99 -6.70
CA ASP A 310 2.29 -20.12 -7.54
C ASP A 310 1.08 -19.71 -8.36
N PRO A 311 1.01 -20.00 -9.68
CA PRO A 311 -0.28 -20.13 -10.35
C PRO A 311 -0.93 -21.42 -9.85
N GLN A 312 -2.26 -21.39 -9.69
CA GLN A 312 -3.01 -22.63 -9.49
C GLN A 312 -3.26 -23.26 -10.86
N PRO A 313 -3.49 -24.59 -10.93
CA PRO A 313 -3.54 -25.29 -12.22
C PRO A 313 -4.57 -24.77 -13.21
N GLU A 314 -5.77 -24.44 -12.70
CA GLU A 314 -6.89 -24.05 -13.54
C GLU A 314 -6.48 -22.88 -14.42
N VAL A 315 -5.64 -21.98 -13.86
CA VAL A 315 -5.10 -20.83 -14.57
C VAL A 315 -4.26 -21.35 -15.73
N VAL A 316 -3.30 -22.21 -15.41
CA VAL A 316 -2.34 -22.73 -16.37
C VAL A 316 -3.06 -23.59 -17.41
N ASN A 317 -4.01 -24.41 -16.95
CA ASN A 317 -4.73 -25.33 -17.81
C ASN A 317 -5.50 -24.53 -18.85
N THR A 318 -6.14 -23.45 -18.39
CA THR A 318 -6.90 -22.57 -19.27
C THR A 318 -5.97 -21.85 -20.24
N VAL A 319 -4.81 -21.37 -19.76
CA VAL A 319 -3.92 -20.62 -20.63
C VAL A 319 -3.50 -21.51 -21.78
N TYR A 320 -3.11 -22.75 -21.45
CA TYR A 320 -2.62 -23.70 -22.44
C TYR A 320 -3.75 -24.04 -23.41
N GLN A 321 -4.91 -24.42 -22.85
CA GLN A 321 -6.09 -24.79 -23.61
C GLN A 321 -6.38 -23.72 -24.67
N VAL A 322 -6.45 -22.47 -24.23
CA VAL A 322 -6.89 -21.38 -25.10
C VAL A 322 -5.81 -21.07 -26.14
N PHE A 323 -4.53 -21.07 -25.75
CA PHE A 323 -3.51 -20.42 -26.57
C PHE A 323 -2.59 -21.41 -27.26
N ASP A 324 -2.51 -22.64 -26.77
CA ASP A 324 -1.63 -23.67 -27.31
C ASP A 324 -2.31 -24.31 -28.53
N THR A 325 -2.35 -23.58 -29.65
CA THR A 325 -3.23 -23.92 -30.76
C THR A 325 -2.72 -25.08 -31.62
N ASP A 326 -1.49 -25.56 -31.39
CA ASP A 326 -1.04 -26.81 -31.99
C ASP A 326 -1.13 -27.95 -30.98
N LYS A 327 -1.75 -27.70 -29.83
CA LYS A 327 -1.95 -28.70 -28.79
C LYS A 327 -0.66 -29.47 -28.46
N ASN A 328 0.52 -29.00 -28.90
CA ASN A 328 1.73 -29.80 -28.82
C ASN A 328 2.34 -29.80 -27.41
N GLY A 329 1.85 -28.93 -26.51
CA GLY A 329 2.24 -28.96 -25.11
C GLY A 329 3.38 -27.99 -24.76
N ASP A 330 3.90 -27.30 -25.78
CA ASP A 330 4.89 -26.23 -25.63
C ASP A 330 4.26 -24.93 -26.09
N LEU A 331 4.18 -23.94 -25.19
CA LEU A 331 3.60 -22.65 -25.51
C LEU A 331 4.66 -21.76 -26.15
N ALA A 332 4.54 -21.56 -27.46
CA ALA A 332 5.55 -20.82 -28.21
C ALA A 332 5.32 -19.32 -28.09
N LYS A 333 6.21 -18.55 -28.72
CA LYS A 333 6.11 -17.10 -28.75
C LYS A 333 5.02 -16.66 -29.74
N ASP A 334 4.91 -17.35 -30.88
CA ASP A 334 3.86 -17.07 -31.86
C ASP A 334 2.47 -17.26 -31.23
N GLU A 335 2.39 -18.09 -30.17
CA GLU A 335 1.11 -18.57 -29.64
C GLU A 335 0.60 -17.77 -28.44
N PHE A 336 1.46 -17.01 -27.73
CA PHE A 336 1.05 -16.37 -26.49
C PHE A 336 1.65 -14.98 -26.35
N VAL A 337 2.99 -14.87 -26.36
CA VAL A 337 3.65 -13.60 -26.14
C VAL A 337 3.24 -12.60 -27.22
N GLU A 338 3.27 -13.02 -28.49
CA GLU A 338 2.98 -12.14 -29.63
C GLU A 338 1.48 -12.00 -29.88
N VAL A 339 0.63 -12.49 -28.96
CA VAL A 339 -0.81 -12.39 -29.13
C VAL A 339 -1.39 -11.42 -28.09
N MET A 340 -0.64 -11.14 -27.01
CA MET A 340 -1.12 -10.24 -25.97
C MET A 340 -0.63 -8.83 -26.30
N GLU A 341 -1.58 -7.89 -26.47
CA GLU A 341 -1.26 -6.48 -26.57
C GLU A 341 -0.58 -6.06 -25.27
N ARG A 342 0.65 -5.52 -25.37
CA ARG A 342 1.40 -5.06 -24.21
C ARG A 342 0.77 -3.78 -23.66
N ARG A 343 1.32 -3.30 -22.53
CA ARG A 343 0.90 -2.05 -21.92
C ARG A 343 1.61 -0.86 -22.60
N LYS A 344 1.20 0.38 -22.26
CA LYS A 344 1.60 1.58 -23.00
C LYS A 344 3.13 1.76 -23.02
N TYR A 345 3.80 1.47 -21.90
CA TYR A 345 5.25 1.61 -21.82
C TYR A 345 5.90 0.26 -21.48
N ARG A 346 5.61 -0.76 -22.30
CA ARG A 346 6.15 -2.09 -22.06
C ARG A 346 5.93 -2.97 -23.30
N SER B 41 8.88 -5.92 30.93
CA SER B 41 9.66 -5.58 29.70
C SER B 41 9.28 -6.48 28.53
N THR B 42 8.95 -7.74 28.78
CA THR B 42 8.40 -8.63 27.76
C THR B 42 6.93 -8.31 27.57
N PRO B 43 6.33 -8.60 26.39
CA PRO B 43 4.89 -8.44 26.19
C PRO B 43 3.98 -9.34 27.03
N GLU B 44 4.50 -10.39 27.68
CA GLU B 44 3.69 -11.21 28.57
C GLU B 44 3.56 -10.53 29.92
N LYS B 45 4.65 -9.90 30.38
CA LYS B 45 4.65 -9.08 31.58
C LYS B 45 3.72 -7.89 31.36
N ILE B 46 3.83 -7.26 30.17
CA ILE B 46 3.03 -6.09 29.81
C ILE B 46 1.54 -6.45 29.86
N PHE B 47 1.17 -7.59 29.27
CA PHE B 47 -0.21 -8.00 29.23
C PHE B 47 -0.75 -8.18 30.64
N GLN B 48 0.00 -8.89 31.50
CA GLN B 48 -0.39 -9.14 32.89
C GLN B 48 -0.73 -7.83 33.58
N CYS B 49 0.12 -6.83 33.35
CA CYS B 49 0.11 -5.62 34.15
C CYS B 49 -1.03 -4.69 33.72
N PHE B 50 -1.49 -4.78 32.46
CA PHE B 50 -2.46 -3.81 31.96
C PHE B 50 -3.86 -4.41 31.78
N ALA B 51 -3.99 -5.74 31.84
CA ALA B 51 -5.27 -6.41 31.63
C ALA B 51 -6.12 -6.29 32.88
N SER B 52 -7.18 -5.48 32.82
CA SER B 52 -7.95 -5.11 34.00
C SER B 52 -9.14 -6.04 34.27
N VAL B 53 -9.66 -6.69 33.22
CA VAL B 53 -10.87 -7.47 33.30
C VAL B 53 -10.50 -8.92 33.63
N LYS B 54 -11.04 -9.41 34.74
CA LYS B 54 -10.83 -10.84 35.07
C LYS B 54 -12.18 -11.53 34.90
N LYS B 55 -12.22 -12.53 34.05
CA LYS B 55 -13.43 -13.25 33.80
C LYS B 55 -13.01 -14.67 33.46
N ASN B 56 -13.71 -15.65 34.06
CA ASN B 56 -13.41 -17.05 33.88
C ASN B 56 -11.93 -17.34 34.21
N GLY B 57 -11.38 -16.59 35.16
CA GLY B 57 -10.00 -16.86 35.56
C GLY B 57 -8.97 -16.69 34.44
N GLU B 58 -9.24 -15.74 33.51
CA GLU B 58 -8.26 -15.21 32.57
C GLU B 58 -8.33 -13.68 32.58
N SER B 59 -7.27 -13.02 32.14
CA SER B 59 -7.28 -11.57 32.09
C SER B 59 -7.58 -11.11 30.66
N PHE B 60 -8.16 -9.91 30.55
CA PHE B 60 -8.49 -9.33 29.27
C PHE B 60 -8.33 -7.82 29.31
N MET B 61 -8.11 -7.23 28.11
CA MET B 61 -7.90 -5.79 27.99
C MET B 61 -9.13 -5.16 27.37
N THR B 62 -9.59 -4.05 27.95
CA THR B 62 -10.50 -3.17 27.25
C THR B 62 -9.73 -2.33 26.24
N VAL B 63 -10.46 -1.53 25.47
CA VAL B 63 -9.89 -0.56 24.57
C VAL B 63 -8.86 0.30 25.30
N GLU B 64 -9.18 0.79 26.51
CA GLU B 64 -8.28 1.70 27.19
C GLU B 64 -7.06 0.95 27.73
N ASP B 65 -7.26 -0.29 28.16
CA ASP B 65 -6.12 -1.08 28.61
C ASP B 65 -5.17 -1.27 27.43
N PHE B 66 -5.75 -1.57 26.26
CA PHE B 66 -4.99 -1.93 25.07
C PHE B 66 -4.20 -0.74 24.56
N ILE B 67 -4.81 0.43 24.59
CA ILE B 67 -4.11 1.63 24.18
C ILE B 67 -2.98 1.93 25.16
N ARG B 68 -3.15 1.71 26.46
CA ARG B 68 -2.07 2.03 27.39
C ARG B 68 -0.91 1.06 27.24
N ALA B 69 -1.21 -0.15 26.75
CA ALA B 69 -0.22 -1.21 26.67
C ALA B 69 0.66 -1.04 25.44
N ILE B 70 0.07 -0.65 24.31
CA ILE B 70 0.80 -0.49 23.06
C ILE B 70 1.50 0.87 23.00
N LEU B 71 1.19 1.80 23.91
CA LEU B 71 1.93 3.04 23.98
C LEU B 71 2.76 2.94 25.26
N PRO B 72 3.87 2.16 25.28
CA PRO B 72 4.62 1.92 26.51
C PRO B 72 5.31 3.21 26.96
N HIS B 73 5.86 3.96 26.00
CA HIS B 73 6.57 5.21 26.26
C HIS B 73 5.67 6.18 27.04
N GLN B 74 4.36 6.18 26.78
CA GLN B 74 3.47 7.17 27.37
C GLN B 74 2.85 6.65 28.67
N PHE B 75 2.98 5.35 28.97
CA PHE B 75 2.32 4.76 30.14
C PHE B 75 3.25 3.76 30.85
N LYS B 91 -12.69 8.10 22.86
CA LYS B 91 -13.42 8.72 21.72
C LYS B 91 -14.05 7.61 20.87
N ASP B 92 -13.46 7.35 19.70
CA ASP B 92 -13.94 6.24 18.84
C ASP B 92 -12.93 5.09 18.93
N ILE B 93 -13.27 3.90 18.46
CA ILE B 93 -12.41 2.72 18.64
C ILE B 93 -11.37 2.65 17.52
N PRO B 94 -10.05 2.53 17.87
CA PRO B 94 -8.98 2.40 16.87
C PRO B 94 -8.92 1.12 16.02
N TYR B 95 -8.46 1.29 14.75
CA TYR B 95 -8.24 0.18 13.83
C TYR B 95 -7.31 -0.87 14.46
N SER B 96 -6.34 -0.38 15.23
CA SER B 96 -5.45 -1.23 16.01
C SER B 96 -6.22 -2.24 16.85
N PHE B 97 -7.24 -1.77 17.58
CA PHE B 97 -7.98 -2.63 18.51
C PHE B 97 -8.84 -3.60 17.72
N LYS B 98 -9.39 -3.12 16.61
CA LYS B 98 -10.25 -3.92 15.76
C LYS B 98 -9.47 -5.07 15.14
N ILE B 99 -8.23 -4.82 14.74
CA ILE B 99 -7.39 -5.86 14.19
C ILE B 99 -7.02 -6.87 15.27
N ALA B 100 -6.68 -6.40 16.48
CA ALA B 100 -6.29 -7.27 17.57
C ALA B 100 -7.42 -8.19 18.04
N ASP B 101 -8.68 -7.72 17.99
CA ASP B 101 -9.82 -8.48 18.49
C ASP B 101 -10.34 -9.41 17.40
N VAL B 102 -9.60 -10.50 17.17
CA VAL B 102 -9.94 -11.45 16.14
C VAL B 102 -11.32 -12.06 16.38
N ASP B 103 -11.68 -12.32 17.66
CA ASP B 103 -12.91 -13.01 17.99
C ASP B 103 -14.09 -12.05 18.06
N GLY B 104 -13.85 -10.72 18.12
CA GLY B 104 -14.92 -9.75 18.09
C GLY B 104 -15.68 -9.61 19.41
N ASP B 105 -15.10 -10.12 20.51
CA ASP B 105 -15.74 -10.05 21.81
C ASP B 105 -15.59 -8.67 22.43
N GLY B 106 -14.86 -7.75 21.79
CA GLY B 106 -14.73 -6.38 22.27
C GLY B 106 -13.69 -6.21 23.38
N LEU B 107 -12.93 -7.27 23.64
CA LEU B 107 -11.81 -7.25 24.57
C LEU B 107 -10.61 -7.92 23.89
N ILE B 108 -9.41 -7.66 24.40
CA ILE B 108 -8.21 -8.29 23.85
C ILE B 108 -7.72 -9.35 24.80
N SER B 109 -7.66 -10.60 24.32
CA SER B 109 -7.14 -11.75 25.06
C SER B 109 -5.61 -11.76 25.03
N PHE B 110 -5.01 -12.62 25.87
CA PHE B 110 -3.56 -12.72 25.97
C PHE B 110 -2.96 -13.11 24.62
N GLY B 111 -3.58 -14.09 23.95
CA GLY B 111 -3.16 -14.55 22.64
C GLY B 111 -3.29 -13.46 21.59
N GLU B 112 -4.45 -12.76 21.59
CA GLU B 112 -4.68 -11.66 20.68
C GLU B 112 -3.57 -10.61 20.84
N PHE B 113 -3.17 -10.29 22.08
CA PHE B 113 -2.24 -9.20 22.34
C PHE B 113 -0.82 -9.59 21.95
N MET B 114 -0.45 -10.84 22.18
CA MET B 114 0.86 -11.34 21.81
C MET B 114 1.00 -11.35 20.29
N PHE B 115 -0.08 -11.73 19.60
CA PHE B 115 -0.11 -11.77 18.15
C PHE B 115 0.03 -10.36 17.59
N PHE B 116 -0.76 -9.41 18.12
CA PHE B 116 -0.71 -8.04 17.67
C PHE B 116 0.69 -7.51 17.88
N SER B 117 1.23 -7.72 19.08
CA SER B 117 2.56 -7.27 19.47
C SER B 117 3.65 -7.81 18.53
N THR B 118 3.48 -9.05 18.03
CA THR B 118 4.46 -9.71 17.18
C THR B 118 4.47 -9.04 15.83
N LEU B 119 3.28 -8.88 15.23
CA LEU B 119 3.14 -8.25 13.92
C LEU B 119 3.63 -6.81 13.97
N LEU B 120 3.31 -6.08 15.04
CA LEU B 120 3.80 -4.72 15.20
C LEU B 120 5.32 -4.64 15.34
N SER B 121 5.95 -5.69 15.92
CA SER B 121 7.39 -5.68 16.15
C SER B 121 8.16 -5.85 14.84
N ILE B 122 7.49 -6.32 13.77
CA ILE B 122 8.22 -6.65 12.55
C ILE B 122 8.68 -5.35 11.89
N PRO B 123 10.00 -5.15 11.69
CA PRO B 123 10.52 -3.99 10.96
C PRO B 123 10.22 -4.01 9.46
N GLU B 124 9.89 -2.86 8.89
CA GLU B 124 9.40 -2.80 7.53
C GLU B 124 10.34 -3.51 6.57
N ALA B 125 11.64 -3.39 6.82
CA ALA B 125 12.67 -3.95 5.94
C ALA B 125 12.73 -5.48 6.03
N SER B 126 12.16 -6.08 7.09
CA SER B 126 12.27 -7.52 7.34
C SER B 126 10.93 -8.23 7.15
N VAL B 127 9.94 -7.52 6.62
CA VAL B 127 8.62 -8.08 6.43
C VAL B 127 8.68 -9.25 5.45
N PRO B 128 9.50 -9.20 4.38
CA PRO B 128 9.68 -10.36 3.48
C PRO B 128 10.17 -11.63 4.18
N ILE B 129 11.00 -11.48 5.21
CA ILE B 129 11.51 -12.62 5.97
C ILE B 129 10.38 -13.23 6.79
N ALA B 130 9.67 -12.35 7.49
CA ALA B 130 8.50 -12.73 8.29
C ALA B 130 7.42 -13.36 7.42
N PHE B 131 7.23 -12.84 6.20
CA PHE B 131 6.26 -13.42 5.27
C PHE B 131 6.60 -14.89 4.96
N LYS B 132 7.87 -15.21 4.78
CA LYS B 132 8.29 -16.54 4.32
C LYS B 132 8.15 -17.54 5.45
N ILE B 133 8.38 -17.09 6.68
CA ILE B 133 8.24 -17.94 7.83
C ILE B 133 6.76 -18.28 8.01
N MET B 134 5.90 -17.34 7.64
CA MET B 134 4.49 -17.50 7.90
C MET B 134 3.84 -18.26 6.77
N ASP B 135 4.39 -18.17 5.55
CA ASP B 135 3.93 -18.96 4.42
C ASP B 135 4.50 -20.36 4.56
N VAL B 136 3.90 -21.17 5.45
CA VAL B 136 4.41 -22.49 5.77
C VAL B 136 4.55 -23.35 4.52
N ASN B 137 3.64 -23.23 3.54
CA ASN B 137 3.61 -24.16 2.41
C ASN B 137 4.46 -23.68 1.22
N GLY B 138 4.91 -22.42 1.24
CA GLY B 138 5.82 -21.89 0.23
C GLY B 138 5.14 -21.51 -1.10
N ASP B 139 3.86 -21.19 -1.08
CA ASP B 139 3.12 -20.95 -2.30
C ASP B 139 3.08 -19.45 -2.64
N GLY B 140 3.67 -18.59 -1.82
CA GLY B 140 3.75 -17.16 -2.13
C GLY B 140 2.58 -16.38 -1.56
N SER B 141 1.67 -17.04 -0.85
CA SER B 141 0.51 -16.39 -0.25
C SER B 141 0.33 -16.92 1.17
N ILE B 142 -0.04 -16.00 2.08
CA ILE B 142 -0.39 -16.34 3.45
C ILE B 142 -1.90 -16.51 3.53
N ASP B 143 -2.37 -17.74 3.77
CA ASP B 143 -3.80 -18.01 3.95
C ASP B 143 -4.18 -17.79 5.41
N ALA B 144 -5.50 -17.79 5.68
CA ALA B 144 -6.04 -17.52 7.01
C ALA B 144 -5.61 -18.59 8.02
N ASN B 145 -5.46 -19.83 7.55
CA ASN B 145 -5.01 -20.90 8.43
C ASN B 145 -3.59 -20.60 8.92
N GLU B 146 -2.73 -20.11 8.01
CA GLU B 146 -1.34 -19.87 8.34
C GLU B 146 -1.26 -18.63 9.22
N PHE B 147 -2.13 -17.64 8.96
CA PHE B 147 -2.03 -16.36 9.64
C PHE B 147 -2.42 -16.52 11.10
N ASN B 148 -3.42 -17.38 11.37
CA ASN B 148 -3.96 -17.56 12.71
C ASN B 148 -3.26 -18.71 13.43
N SER B 149 -2.07 -19.09 12.94
CA SER B 149 -1.31 -20.18 13.52
C SER B 149 -0.87 -19.82 14.93
N ILE B 150 -0.21 -18.66 15.05
CA ILE B 150 0.30 -18.21 16.33
C ILE B 150 -0.87 -18.09 17.30
N LEU B 151 -1.97 -17.56 16.77
CA LEU B 151 -3.11 -17.23 17.60
C LEU B 151 -3.66 -18.50 18.22
N ARG B 152 -3.95 -19.50 17.41
CA ARG B 152 -4.34 -20.82 17.90
C ARG B 152 -3.37 -21.32 18.98
N ILE B 153 -2.06 -21.26 18.73
CA ILE B 153 -1.10 -21.88 19.65
C ILE B 153 -0.99 -21.05 20.94
N LEU B 154 -0.79 -19.73 20.85
CA LEU B 154 -0.67 -18.88 22.03
C LEU B 154 -1.99 -18.82 22.79
N SER B 155 -3.10 -19.20 22.15
CA SER B 155 -4.41 -19.13 22.78
C SER B 155 -4.76 -20.49 23.38
N ASN B 156 -4.60 -21.56 22.59
CA ASN B 156 -4.86 -22.91 23.05
C ASN B 156 -3.71 -23.37 23.95
N GLN B 157 -3.45 -22.60 25.02
CA GLN B 157 -2.39 -22.90 25.98
C GLN B 157 -1.06 -23.09 25.23
N LEU B 182 -9.39 -9.10 5.97
CA LEU B 182 -8.14 -9.39 5.18
C LEU B 182 -8.36 -10.62 4.31
N PHE B 183 -8.98 -11.67 4.88
CA PHE B 183 -9.11 -12.94 4.18
C PHE B 183 -10.53 -13.10 3.63
N GLY B 184 -11.38 -12.10 3.86
CA GLY B 184 -12.76 -12.12 3.36
C GLY B 184 -13.70 -12.78 4.36
N LYS B 185 -15.00 -12.49 4.25
CA LYS B 185 -15.97 -13.01 5.21
C LYS B 185 -15.97 -14.53 5.14
N LYS B 186 -15.66 -15.08 3.96
CA LYS B 186 -15.56 -16.51 3.74
C LYS B 186 -14.14 -17.03 4.06
N GLY B 187 -13.24 -16.14 4.52
CA GLY B 187 -11.87 -16.52 4.80
C GLY B 187 -11.23 -17.21 3.60
N ASP B 188 -11.56 -16.72 2.41
CA ASP B 188 -11.13 -17.34 1.15
C ASP B 188 -9.99 -16.54 0.54
N LYS B 189 -9.75 -15.31 1.04
CA LYS B 189 -8.74 -14.44 0.48
C LYS B 189 -7.36 -14.89 0.96
N ARG B 190 -6.35 -14.82 0.08
CA ARG B 190 -4.98 -15.15 0.45
C ARG B 190 -4.18 -13.86 0.36
N LEU B 191 -3.31 -13.60 1.33
CA LEU B 191 -2.50 -12.38 1.35
C LEU B 191 -1.20 -12.59 0.58
N THR B 192 -0.93 -11.71 -0.37
CA THR B 192 0.39 -11.63 -0.99
C THR B 192 1.33 -10.82 -0.10
N LEU B 193 2.62 -10.81 -0.45
CA LEU B 193 3.63 -10.08 0.31
C LEU B 193 3.36 -8.57 0.26
N ASP B 194 2.90 -8.05 -0.88
CA ASP B 194 2.60 -6.63 -1.04
C ASP B 194 1.45 -6.26 -0.11
N GLN B 195 0.37 -7.04 -0.16
CA GLN B 195 -0.76 -6.85 0.73
C GLN B 195 -0.38 -6.94 2.21
N PHE B 196 0.55 -7.82 2.56
CA PHE B 196 0.98 -8.00 3.94
C PHE B 196 1.81 -6.82 4.37
N GLN B 197 2.66 -6.32 3.46
N GLN B 197 2.66 -6.32 3.46
CA GLN B 197 3.45 -5.13 3.70
CA GLN B 197 3.45 -5.13 3.71
C GLN B 197 2.49 -3.96 3.95
C GLN B 197 2.50 -3.95 3.95
N LYS B 198 1.48 -3.84 3.10
CA LYS B 198 0.48 -2.79 3.21
C LYS B 198 -0.21 -2.87 4.58
N PHE B 199 -0.68 -4.07 4.97
CA PHE B 199 -1.40 -4.27 6.21
C PHE B 199 -0.56 -3.81 7.38
N LEU B 200 0.71 -4.24 7.44
CA LEU B 200 1.59 -3.92 8.55
C LEU B 200 1.86 -2.41 8.59
N SER B 201 1.86 -1.78 7.41
CA SER B 201 2.05 -0.35 7.28
C SER B 201 0.88 0.40 7.90
N GLN B 202 -0.34 -0.01 7.60
CA GLN B 202 -1.49 0.64 8.23
C GLN B 202 -1.41 0.47 9.75
N LEU B 203 -1.05 -0.72 10.22
CA LEU B 203 -0.99 -1.02 11.64
C LEU B 203 0.00 -0.08 12.33
N ARG B 204 1.20 0.03 11.77
CA ARG B 204 2.22 0.88 12.37
C ARG B 204 1.75 2.33 12.42
N ARG B 205 1.18 2.82 11.31
CA ARG B 205 0.68 4.18 11.22
C ARG B 205 -0.40 4.44 12.27
N ASP B 206 -1.35 3.49 12.47
CA ASP B 206 -2.40 3.62 13.48
C ASP B 206 -1.81 3.79 14.88
N VAL B 207 -0.83 2.97 15.27
CA VAL B 207 -0.22 3.08 16.59
C VAL B 207 0.50 4.43 16.76
N LEU B 208 1.07 4.97 15.68
CA LEU B 208 1.69 6.28 15.70
C LEU B 208 0.66 7.38 15.86
N GLN B 209 -0.50 7.24 15.21
CA GLN B 209 -1.58 8.22 15.32
C GLN B 209 -2.04 8.30 16.77
N LEU B 210 -2.16 7.13 17.43
CA LEU B 210 -2.61 7.07 18.80
C LEU B 210 -1.62 7.76 19.72
N GLU B 211 -0.33 7.64 19.43
CA GLU B 211 0.69 8.21 20.28
C GLU B 211 0.71 9.73 20.14
N PHE B 212 0.43 10.22 18.92
CA PHE B 212 0.44 11.63 18.59
C PHE B 212 -0.84 12.28 19.09
N ASN B 213 -1.98 11.56 18.95
CA ASN B 213 -3.27 12.05 19.39
C ASN B 213 -3.28 12.25 20.90
N PHE B 214 -2.41 11.55 21.62
CA PHE B 214 -2.23 11.78 23.04
C PHE B 214 -1.72 13.22 23.31
N TYR B 215 -1.11 13.89 22.32
CA TYR B 215 -0.68 15.27 22.49
C TYR B 215 -1.46 16.19 21.56
N ASP B 216 -2.38 15.63 20.75
CA ASP B 216 -3.26 16.45 19.94
C ASP B 216 -4.71 16.02 20.19
N PRO B 217 -5.31 16.46 21.33
CA PRO B 217 -6.69 16.10 21.65
C PRO B 217 -7.71 16.88 20.82
N SER B 218 -7.42 18.15 20.57
CA SER B 218 -8.27 19.01 19.74
C SER B 218 -8.37 18.50 18.30
N GLY B 219 -7.48 17.60 17.88
CA GLY B 219 -7.46 17.11 16.50
C GLY B 219 -6.97 18.15 15.49
N ARG B 220 -6.09 19.05 15.93
CA ARG B 220 -5.47 20.06 15.09
C ARG B 220 -4.68 19.44 13.93
N GLY B 221 -4.02 18.31 14.19
CA GLY B 221 -3.11 17.69 13.25
C GLY B 221 -1.68 18.19 13.39
N GLN B 222 -1.44 19.11 14.32
CA GLN B 222 -0.10 19.57 14.60
C GLN B 222 0.02 19.61 16.12
N ILE B 223 1.27 19.55 16.61
CA ILE B 223 1.57 19.63 18.03
C ILE B 223 2.65 20.70 18.24
N SER B 224 2.66 21.30 19.42
CA SER B 224 3.66 22.33 19.73
C SER B 224 5.05 21.71 19.70
N GLN B 225 6.08 22.55 19.89
CA GLN B 225 7.44 22.08 19.94
C GLN B 225 7.70 21.40 21.28
N ARG B 226 7.03 21.89 22.32
CA ARG B 226 7.23 21.35 23.65
C ARG B 226 6.58 19.98 23.78
N ASP B 227 5.45 19.78 23.08
CA ASP B 227 4.79 18.49 23.07
C ASP B 227 5.65 17.49 22.30
N PHE B 228 6.28 17.96 21.21
CA PHE B 228 7.24 17.13 20.50
C PHE B 228 8.41 16.75 21.40
N GLY B 229 8.89 17.72 22.18
CA GLY B 229 9.98 17.51 23.12
C GLY B 229 9.64 16.40 24.11
N LEU B 230 8.44 16.45 24.70
CA LEU B 230 7.99 15.41 25.64
C LEU B 230 7.96 14.05 24.97
N LEU B 231 7.38 13.99 23.78
CA LEU B 231 7.31 12.76 23.01
C LEU B 231 8.73 12.25 22.73
N LEU B 232 9.71 13.15 22.49
CA LEU B 232 11.09 12.72 22.32
C LEU B 232 11.60 12.14 23.64
N ILE B 233 11.38 12.85 24.75
CA ILE B 233 11.87 12.38 26.04
C ILE B 233 11.24 11.02 26.38
N SER B 234 10.03 10.76 25.87
CA SER B 234 9.37 9.50 26.12
C SER B 234 10.11 8.36 25.41
N TYR B 235 10.62 8.63 24.19
CA TYR B 235 11.31 7.66 23.35
C TYR B 235 12.72 7.40 23.87
N SER B 236 13.14 8.14 24.90
CA SER B 236 14.51 8.09 25.39
C SER B 236 14.68 6.97 26.41
N LYS B 237 15.93 6.77 26.88
CA LYS B 237 16.33 5.73 27.82
C LYS B 237 17.12 6.31 29.01
N GLN B 240 13.84 10.55 32.25
CA GLN B 240 13.84 11.95 32.74
C GLN B 240 15.16 12.23 33.45
N LEU B 241 16.03 13.02 32.82
CA LEU B 241 17.34 13.35 33.37
C LEU B 241 17.28 14.72 34.06
N GLU B 242 16.09 15.34 34.15
CA GLU B 242 15.91 16.67 34.70
C GLU B 242 16.44 17.74 33.73
N HIS B 243 17.67 17.55 33.23
CA HIS B 243 18.23 18.33 32.12
C HIS B 243 17.33 18.17 30.89
N HIS B 244 16.90 16.93 30.65
CA HIS B 244 15.88 16.66 29.65
C HIS B 244 14.66 17.53 29.94
N ILE B 245 14.29 17.69 31.22
CA ILE B 245 13.07 18.41 31.58
C ILE B 245 13.30 19.93 31.66
N LYS B 246 14.57 20.37 31.80
CA LYS B 246 14.88 21.79 31.89
C LYS B 246 14.96 22.39 30.49
N ALA B 247 15.10 21.52 29.47
CA ALA B 247 15.16 21.98 28.09
C ALA B 247 13.79 22.39 27.59
N LEU B 248 12.73 21.82 28.17
CA LEU B 248 11.36 21.99 27.67
C LEU B 248 10.84 23.41 27.89
N SER B 249 11.35 24.10 28.92
CA SER B 249 11.01 25.49 29.18
C SER B 249 11.34 26.36 27.97
N SER B 250 12.52 26.13 27.38
CA SER B 250 13.02 26.92 26.25
C SER B 250 12.14 26.75 25.00
N LEU B 251 11.40 25.62 24.92
CA LEU B 251 10.65 25.28 23.74
C LEU B 251 9.27 25.91 23.79
N PRO B 252 8.78 26.53 22.68
CA PRO B 252 7.42 27.06 22.62
C PRO B 252 6.39 25.97 22.92
N ASN B 253 5.30 26.37 23.59
CA ASN B 253 4.16 25.52 23.85
C ASN B 253 2.95 26.03 23.08
N LYS B 254 3.15 27.03 22.21
CA LYS B 254 2.08 27.61 21.40
C LYS B 254 2.47 27.49 19.93
N ILE B 255 1.48 27.28 19.05
CA ILE B 255 1.68 27.42 17.61
C ILE B 255 1.22 28.80 17.17
N ASP B 256 2.06 29.52 16.42
CA ASP B 256 1.74 30.85 15.93
C ASP B 256 2.65 31.16 14.75
N ALA B 257 2.40 32.27 14.05
CA ALA B 257 3.04 32.52 12.77
C ALA B 257 4.57 32.48 12.85
N ASN B 258 5.17 32.64 14.04
CA ASN B 258 6.62 32.59 14.17
C ASN B 258 7.13 31.45 15.06
N ASN B 259 6.22 30.51 15.42
CA ASN B 259 6.56 29.34 16.21
C ASN B 259 5.71 28.20 15.66
N LYS B 260 6.24 27.56 14.61
CA LYS B 260 5.46 26.61 13.84
C LYS B 260 5.19 25.37 14.68
N GLY B 261 4.11 24.65 14.35
CA GLY B 261 3.85 23.35 14.94
C GLY B 261 4.39 22.20 14.08
N ILE B 262 4.39 20.99 14.67
CA ILE B 262 4.90 19.80 14.02
C ILE B 262 3.74 18.89 13.61
N SER B 263 3.61 18.60 12.33
CA SER B 263 2.51 17.80 11.81
C SER B 263 2.70 16.31 12.09
N PHE B 264 1.61 15.55 11.91
CA PHE B 264 1.63 14.11 12.05
C PHE B 264 2.63 13.51 11.06
N ASP B 265 2.51 13.95 9.80
CA ASP B 265 3.36 13.46 8.74
C ASP B 265 4.83 13.59 9.13
N GLN B 266 5.24 14.68 9.80
CA GLN B 266 6.62 14.87 10.24
C GLN B 266 6.97 13.95 11.41
N PHE B 267 6.03 13.72 12.31
CA PHE B 267 6.25 12.78 13.39
C PHE B 267 6.44 11.36 12.82
N VAL B 268 5.74 11.05 11.73
CA VAL B 268 5.92 9.75 11.12
C VAL B 268 7.31 9.67 10.51
N SER B 269 7.61 10.64 9.67
CA SER B 269 8.92 10.74 9.06
C SER B 269 10.05 10.69 10.09
N PHE B 270 9.89 11.34 11.23
CA PHE B 270 10.92 11.24 12.25
C PHE B 270 11.00 9.84 12.81
N ASN B 271 9.90 9.07 12.74
CA ASN B 271 9.93 7.71 13.20
C ASN B 271 10.70 6.87 12.20
N THR B 272 10.54 7.17 10.91
CA THR B 272 11.40 6.48 9.96
C THR B 272 12.86 6.71 10.35
N LEU B 273 13.21 7.93 10.76
CA LEU B 273 14.61 8.22 10.98
C LEU B 273 15.13 7.33 12.10
N LEU B 274 14.30 7.09 13.12
CA LEU B 274 14.67 6.26 14.27
C LEU B 274 14.72 4.78 13.92
N ASP B 275 14.11 4.39 12.81
CA ASP B 275 14.22 3.02 12.38
C ASP B 275 15.60 2.81 11.76
N LYS B 276 16.18 3.88 11.18
CA LYS B 276 17.46 3.78 10.47
C LYS B 276 18.56 4.47 11.26
N LEU B 277 18.58 4.25 12.57
CA LEU B 277 19.48 4.95 13.46
C LEU B 277 20.94 4.52 13.23
N HIS B 278 21.10 3.33 12.64
CA HIS B 278 22.42 2.83 12.28
C HIS B 278 22.99 3.73 11.18
N ASP B 279 22.11 4.16 10.26
CA ASP B 279 22.49 4.94 9.11
C ASP B 279 22.89 6.34 9.58
N VAL B 280 22.28 6.82 10.66
CA VAL B 280 22.63 8.10 11.25
C VAL B 280 24.03 7.98 11.85
N GLU B 281 24.29 6.88 12.58
CA GLU B 281 25.60 6.62 13.16
C GLU B 281 26.70 6.52 12.10
N LEU B 282 26.43 5.81 11.00
CA LEU B 282 27.42 5.78 9.94
C LEU B 282 27.79 7.22 9.57
N SER B 283 26.77 8.04 9.32
CA SER B 283 26.97 9.36 8.76
C SER B 283 27.81 10.20 9.74
N MET B 284 27.65 9.96 11.05
CA MET B 284 28.37 10.73 12.05
C MET B 284 29.87 10.44 11.92
N ASP B 285 30.22 9.20 11.55
CA ASP B 285 31.62 8.83 11.40
C ASP B 285 32.19 9.43 10.13
N LEU B 286 31.43 9.35 9.03
CA LEU B 286 31.90 9.92 7.79
C LEU B 286 32.14 11.43 7.94
N TYR B 287 31.34 12.10 8.78
CA TYR B 287 31.49 13.54 8.93
C TYR B 287 32.72 13.86 9.79
N LYS B 288 32.97 13.06 10.84
CA LYS B 288 34.09 13.32 11.74
C LYS B 288 35.40 13.14 10.97
N GLY B 289 35.39 12.20 10.02
CA GLY B 289 36.52 11.96 9.15
C GLY B 289 36.88 13.17 8.28
N ILE B 290 36.00 14.17 8.11
CA ILE B 290 36.44 15.38 7.43
C ILE B 290 36.51 16.55 8.41
N ASN B 291 36.66 16.24 9.70
CA ASN B 291 36.81 17.27 10.73
C ASN B 291 35.55 18.15 10.72
N GLN B 292 34.39 17.49 10.50
CA GLN B 292 33.10 18.16 10.42
C GLN B 292 32.20 17.60 11.53
N PRO B 293 31.92 18.36 12.61
CA PRO B 293 31.01 17.90 13.66
C PRO B 293 29.57 17.82 13.18
N PHE B 294 28.76 17.06 13.92
CA PHE B 294 27.41 16.73 13.48
C PHE B 294 26.44 17.81 13.96
N THR B 295 26.37 18.90 13.17
CA THR B 295 25.54 20.06 13.46
C THR B 295 24.20 19.93 12.77
N LYS B 296 23.29 20.85 13.09
CA LYS B 296 21.98 20.96 12.46
C LYS B 296 22.06 20.86 10.94
N SER B 297 23.16 21.30 10.37
CA SER B 297 23.30 21.25 8.91
C SER B 297 23.50 19.81 8.42
N GLN B 298 24.31 19.03 9.14
CA GLN B 298 24.52 17.64 8.81
C GLN B 298 23.26 16.84 9.13
N PHE B 299 22.62 17.19 10.26
CA PHE B 299 21.45 16.44 10.70
C PHE B 299 20.37 16.57 9.64
N LYS B 300 20.25 17.74 9.03
CA LYS B 300 19.20 17.96 8.05
C LYS B 300 19.49 17.19 6.77
N TYR B 301 20.75 17.19 6.33
CA TYR B 301 21.12 16.54 5.07
C TYR B 301 20.91 15.03 5.19
N VAL B 302 21.42 14.43 6.28
CA VAL B 302 21.36 12.99 6.53
C VAL B 302 19.91 12.56 6.62
N SER B 303 19.14 13.35 7.38
CA SER B 303 17.74 13.06 7.54
C SER B 303 17.06 12.99 6.17
N LYS B 304 17.48 13.85 5.24
CA LYS B 304 16.82 14.00 3.96
C LYS B 304 17.16 12.79 3.10
N ILE B 305 18.40 12.33 3.16
CA ILE B 305 18.78 11.19 2.34
C ILE B 305 18.28 9.88 2.94
N ILE B 306 17.92 9.84 4.22
CA ILE B 306 17.42 8.61 4.84
C ILE B 306 15.90 8.47 4.74
N CYS B 307 15.20 9.57 5.04
CA CYS B 307 13.76 9.66 5.00
C CYS B 307 13.26 10.02 3.60
N ASN B 308 14.10 10.68 2.78
CA ASN B 308 13.74 11.12 1.44
C ASN B 308 12.63 12.18 1.46
N VAL B 309 12.46 12.88 2.57
CA VAL B 309 11.59 14.03 2.63
C VAL B 309 12.31 15.12 3.39
N ASP B 310 11.98 16.37 3.05
CA ASP B 310 12.62 17.51 3.70
C ASP B 310 12.34 17.46 5.20
N PRO B 311 13.38 17.53 6.06
CA PRO B 311 13.16 17.67 7.50
C PRO B 311 12.63 19.07 7.82
N GLN B 312 11.76 19.17 8.81
CA GLN B 312 11.25 20.44 9.31
C GLN B 312 12.28 21.05 10.26
N PRO B 313 12.65 22.33 10.09
CA PRO B 313 13.59 22.98 11.02
C PRO B 313 13.25 22.79 12.50
N GLU B 314 11.97 22.90 12.81
CA GLU B 314 11.48 22.88 14.17
C GLU B 314 11.68 21.50 14.82
N VAL B 315 11.57 20.42 14.03
CA VAL B 315 11.85 19.07 14.53
C VAL B 315 13.31 19.02 14.96
N VAL B 316 14.20 19.48 14.07
CA VAL B 316 15.63 19.40 14.31
C VAL B 316 16.03 20.30 15.50
N ASN B 317 15.48 21.50 15.58
CA ASN B 317 15.83 22.40 16.67
C ASN B 317 15.44 21.76 17.98
N THR B 318 14.29 21.09 18.01
CA THR B 318 13.84 20.45 19.24
C THR B 318 14.71 19.27 19.60
N VAL B 319 15.20 18.52 18.60
CA VAL B 319 16.10 17.41 18.85
C VAL B 319 17.37 17.97 19.50
N TYR B 320 17.90 19.04 18.92
CA TYR B 320 19.13 19.59 19.46
C TYR B 320 18.87 20.18 20.86
N GLN B 321 17.76 20.87 21.07
CA GLN B 321 17.50 21.53 22.34
C GLN B 321 17.38 20.50 23.47
N VAL B 322 16.72 19.37 23.18
CA VAL B 322 16.52 18.32 24.16
C VAL B 322 17.76 17.44 24.34
N PHE B 323 18.43 17.01 23.25
CA PHE B 323 19.38 15.90 23.31
C PHE B 323 20.84 16.34 23.34
N ASP B 324 21.14 17.54 22.79
CA ASP B 324 22.49 18.09 22.79
C ASP B 324 22.84 18.59 24.19
N THR B 325 22.96 17.66 25.13
CA THR B 325 22.94 17.99 26.55
C THR B 325 24.06 18.96 26.88
N ASP B 326 25.26 18.76 26.33
CA ASP B 326 26.41 19.61 26.64
C ASP B 326 26.38 20.90 25.83
N LYS B 327 25.41 21.03 24.91
CA LYS B 327 25.14 22.27 24.19
C LYS B 327 26.35 22.78 23.38
N ASN B 328 27.20 21.88 22.90
CA ASN B 328 28.33 22.26 22.07
C ASN B 328 27.92 22.42 20.61
N GLY B 329 26.67 22.10 20.25
CA GLY B 329 26.22 22.18 18.86
C GLY B 329 26.55 20.92 18.06
N ASP B 330 27.21 19.95 18.70
CA ASP B 330 27.53 18.69 18.06
C ASP B 330 26.71 17.62 18.76
N LEU B 331 25.90 16.93 17.97
CA LEU B 331 25.11 15.83 18.49
C LEU B 331 25.94 14.56 18.41
N ALA B 332 26.46 14.12 19.55
CA ALA B 332 27.32 12.94 19.61
C ALA B 332 26.51 11.66 19.60
N LYS B 333 27.22 10.52 19.53
CA LYS B 333 26.59 9.20 19.53
C LYS B 333 25.92 8.98 20.88
N ASP B 334 26.53 9.47 21.97
CA ASP B 334 25.82 9.62 23.23
C ASP B 334 24.85 10.78 22.95
N GLU B 335 24.07 11.24 23.92
CA GLU B 335 23.21 12.38 23.63
C GLU B 335 22.02 11.90 22.77
N PHE B 336 22.27 11.29 21.59
CA PHE B 336 21.18 10.89 20.71
C PHE B 336 21.15 9.38 20.36
N VAL B 337 22.06 8.88 19.54
CA VAL B 337 21.93 7.52 18.98
C VAL B 337 21.89 6.47 20.08
N GLU B 338 22.78 6.62 21.07
CA GLU B 338 22.82 5.68 22.17
C GLU B 338 21.65 5.92 23.12
N VAL B 339 21.08 7.14 23.12
CA VAL B 339 20.03 7.50 24.07
C VAL B 339 18.67 6.95 23.63
N MET B 340 18.47 6.66 22.35
CA MET B 340 17.15 6.23 21.91
C MET B 340 16.93 4.75 22.23
N TYR B 345 14.68 -5.84 17.64
CA TYR B 345 15.60 -6.21 16.53
C TYR B 345 16.59 -5.06 16.34
N ARG B 346 16.56 -4.38 15.18
CA ARG B 346 17.56 -3.35 14.89
C ARG B 346 17.29 -2.12 15.77
#